data_6UUO
#
_entry.id   6UUO
#
_cell.length_a   52.059
_cell.length_b   104.244
_cell.length_c   109.904
_cell.angle_alpha   90.000
_cell.angle_beta   90.000
_cell.angle_gamma   90.000
#
_symmetry.space_group_name_H-M   'P 21 21 21'
#
loop_
_entity.id
_entity.type
_entity.pdbx_description
1 polymer 'Serine/threonine-protein kinase B-raf'
2 non-polymer N-(3-{5-[(1-acetylpiperidin-4-yl)(methyl)amino]-3-(pyrimidin-5-yl)-1H-pyrrolo[3,2-b]pyridin-1-yl}-2,4-difluorophenyl)propane-1-sulfonamide
3 water water
#
_entity_poly.entity_id   1
_entity_poly.type   'polypeptide(L)'
_entity_poly.pdbx_seq_one_letter_code
;GAMDRDSSDDWEIPDGQITVGQRIGSGSFGTVYKGKWHGDVAVKMLNVTAPTPQQLQAFKNEVGVLRKTRHVNILLFMGY
STKPQLAIVTQWCEGSSLYHHLHASETKFEMKKLIDIARQTARGMDYLHAKSIIHRDLKSNNIFLHEDNTVKIGDFGLAT
VKSRWSGSHQFEQLSGSILWMAPEVIRMQDSNPYSFQSDVYAFGIVLYELMTGQLPYSNINNRDQIIEMVGRGSLSPDLS
KVRSNCPKRMKRLMAECLKKKRDERPSFPRILAEIEELARELSG
;
_entity_poly.pdbx_strand_id   A,B
#
loop_
_chem_comp.id
_chem_comp.type
_chem_comp.name
_chem_comp.formula
QH1 non-polymer N-(3-{5-[(1-acetylpiperidin-4-yl)(methyl)amino]-3-(pyrimidin-5-yl)-1H-pyrrolo[3,2-b]pyridin-1-yl}-2,4-difluorophenyl)propane-1-sulfonamide 'C28 H31 F2 N7 O3 S'
#
# COMPACT_ATOMS: atom_id res chain seq x y z
N TRP A 11 -11.84 9.81 -7.56
CA TRP A 11 -10.73 9.92 -6.62
C TRP A 11 -10.20 11.34 -6.50
N GLU A 12 -10.93 12.30 -7.07
CA GLU A 12 -10.51 13.69 -7.02
C GLU A 12 -10.55 14.19 -5.57
N ILE A 13 -9.39 14.61 -5.08
CA ILE A 13 -9.26 15.20 -3.75
C ILE A 13 -9.52 16.70 -3.83
N PRO A 14 -10.40 17.25 -3.00
CA PRO A 14 -10.66 18.69 -3.05
C PRO A 14 -9.41 19.50 -2.78
N ASP A 15 -9.46 20.78 -3.18
CA ASP A 15 -8.29 21.64 -3.06
C ASP A 15 -7.96 21.95 -1.60
N GLY A 16 -8.97 22.31 -0.81
CA GLY A 16 -8.74 22.66 0.59
C GLY A 16 -8.25 21.51 1.45
N GLN A 17 -8.52 20.26 1.04
CA GLN A 17 -8.11 19.12 1.85
C GLN A 17 -6.60 18.90 1.82
N ILE A 18 -5.95 19.18 0.70
CA ILE A 18 -4.53 18.87 0.52
C ILE A 18 -3.68 19.99 1.08
N THR A 19 -2.79 19.66 2.02
CA THR A 19 -1.82 20.60 2.57
C THR A 19 -0.45 20.33 1.96
N VAL A 20 0.20 21.38 1.47
CA VAL A 20 1.47 21.24 0.78
C VAL A 20 2.62 21.38 1.80
N GLY A 21 3.79 20.87 1.42
CA GLY A 21 4.93 20.89 2.31
C GLY A 21 6.26 21.18 1.63
N GLN A 22 7.32 20.52 2.12
CA GLN A 22 8.66 20.75 1.59
C GLN A 22 8.85 20.07 0.23
N ARG A 23 9.55 20.76 -0.66
CA ARG A 23 9.88 20.21 -1.97
C ARG A 23 11.12 19.32 -1.86
N ILE A 24 11.04 18.12 -2.42
CA ILE A 24 12.15 17.18 -2.34
C ILE A 24 12.58 16.75 -3.75
N PHE A 29 11.13 14.93 -14.49
CA PHE A 29 10.52 16.25 -14.56
C PHE A 29 9.32 16.33 -13.62
N GLY A 30 8.91 17.55 -13.31
CA GLY A 30 7.81 17.83 -12.38
C GLY A 30 8.32 18.09 -10.98
N THR A 31 7.58 18.94 -10.26
CA THR A 31 7.95 19.34 -8.90
C THR A 31 7.32 18.40 -7.88
N VAL A 32 8.15 17.82 -7.02
CA VAL A 32 7.70 16.87 -6.01
C VAL A 32 7.79 17.53 -4.64
N TYR A 33 6.80 17.25 -3.77
CA TYR A 33 6.76 17.86 -2.46
C TYR A 33 6.17 16.88 -1.45
N LYS A 34 6.76 16.83 -0.26
CA LYS A 34 6.26 15.99 0.83
C LYS A 34 5.19 16.78 1.59
N GLY A 35 3.93 16.36 1.44
CA GLY A 35 2.81 16.99 2.11
C GLY A 35 2.20 16.14 3.20
N LYS A 36 1.20 16.75 3.87
CA LYS A 36 0.50 16.13 4.97
C LYS A 36 -0.99 16.10 4.65
N TRP A 37 -1.55 14.90 4.51
CA TRP A 37 -2.98 14.73 4.22
C TRP A 37 -3.37 13.37 4.78
N HIS A 38 -4.02 13.38 5.95
CA HIS A 38 -4.34 12.16 6.70
C HIS A 38 -3.08 11.32 6.89
N GLY A 39 -1.99 11.98 7.25
CA GLY A 39 -0.68 11.35 7.35
C GLY A 39 0.24 11.81 6.24
N ASP A 40 1.46 11.28 6.28
CA ASP A 40 2.49 11.67 5.34
C ASP A 40 2.15 11.20 3.93
N VAL A 41 2.16 12.13 2.97
CA VAL A 41 1.93 11.82 1.56
C VAL A 41 2.94 12.59 0.72
N ALA A 42 3.04 12.21 -0.54
CA ALA A 42 3.91 12.88 -1.50
C ALA A 42 3.08 13.33 -2.70
N VAL A 43 3.14 14.61 -3.04
CA VAL A 43 2.35 15.20 -4.11
C VAL A 43 3.29 15.74 -5.17
N LYS A 44 3.10 15.30 -6.41
CA LYS A 44 3.85 15.80 -7.54
C LYS A 44 2.95 16.69 -8.39
N MET A 45 3.34 17.96 -8.54
CA MET A 45 2.60 18.96 -9.28
C MET A 45 3.52 19.57 -10.34
N LEU A 46 2.92 20.03 -11.44
CA LEU A 46 3.66 20.69 -12.50
C LEU A 46 3.36 22.18 -12.44
N ASN A 47 4.42 23.00 -12.55
CA ASN A 47 4.28 24.45 -12.54
C ASN A 47 3.68 24.91 -13.85
N VAL A 48 2.38 25.18 -13.87
CA VAL A 48 1.71 25.62 -15.10
C VAL A 48 0.52 26.49 -14.71
N THR A 49 0.19 27.42 -15.60
CA THR A 49 -0.94 28.32 -15.37
C THR A 49 -1.56 28.75 -16.70
N PRO A 51 -3.04 25.34 -16.76
CA PRO A 51 -2.01 24.52 -17.41
C PRO A 51 -2.09 24.58 -18.93
N THR A 52 -2.11 23.41 -19.57
CA THR A 52 -2.23 23.29 -21.01
C THR A 52 -3.22 22.18 -21.30
N PRO A 53 -4.12 22.37 -22.29
CA PRO A 53 -5.11 21.31 -22.57
C PRO A 53 -4.49 19.99 -22.97
N GLN A 54 -3.41 20.02 -23.74
CA GLN A 54 -2.69 18.79 -24.05
C GLN A 54 -2.16 18.13 -22.79
N GLN A 55 -1.57 18.93 -21.89
CA GLN A 55 -1.12 18.40 -20.62
C GLN A 55 -2.29 17.93 -19.76
N LEU A 56 -3.46 18.55 -19.92
CA LEU A 56 -4.63 18.10 -19.17
C LEU A 56 -5.10 16.73 -19.63
N GLN A 57 -5.09 16.50 -20.94
CA GLN A 57 -5.45 15.19 -21.47
C GLN A 57 -4.41 14.14 -21.06
N ALA A 58 -3.12 14.51 -21.10
CA ALA A 58 -2.08 13.59 -20.66
C ALA A 58 -2.23 13.25 -19.18
N PHE A 59 -2.59 14.23 -18.36
CA PHE A 59 -2.84 13.99 -16.95
C PHE A 59 -4.04 13.08 -16.73
N LYS A 60 -5.11 13.28 -17.51
CA LYS A 60 -6.26 12.39 -17.40
C LYS A 60 -5.88 10.96 -17.74
N ASN A 61 -5.07 10.78 -18.79
CA ASN A 61 -4.65 9.43 -19.17
C ASN A 61 -3.74 8.81 -18.10
N GLU A 62 -2.82 9.60 -17.54
CA GLU A 62 -1.95 9.09 -16.49
C GLU A 62 -2.73 8.72 -15.24
N VAL A 63 -3.73 9.53 -14.87
CA VAL A 63 -4.57 9.21 -13.72
C VAL A 63 -5.36 7.94 -13.97
N GLY A 64 -5.91 7.79 -15.18
CA GLY A 64 -6.64 6.57 -15.49
C GLY A 64 -5.75 5.34 -15.46
N VAL A 65 -4.49 5.49 -15.87
CA VAL A 65 -3.56 4.37 -15.79
C VAL A 65 -3.23 4.04 -14.34
N LEU A 66 -3.01 5.08 -13.52
CA LEU A 66 -2.62 4.87 -12.12
C LEU A 66 -3.76 4.40 -11.22
N ARG A 67 -5.02 4.64 -11.61
CA ARG A 67 -6.13 4.34 -10.70
C ARG A 67 -6.33 2.84 -10.52
N LYS A 68 -6.01 2.04 -11.53
CA LYS A 68 -6.20 0.59 -11.48
C LYS A 68 -4.98 -0.16 -10.98
N THR A 69 -4.33 0.30 -9.91
CA THR A 69 -3.12 -0.34 -9.40
C THR A 69 -3.21 -0.48 -7.88
N ARG A 70 -3.32 -1.72 -7.40
CA ARG A 70 -3.33 -2.01 -5.97
C ARG A 70 -2.41 -3.21 -5.73
N HIS A 71 -1.21 -2.95 -5.22
CA HIS A 71 -0.26 -4.01 -4.93
C HIS A 71 0.77 -3.48 -3.95
N VAL A 72 1.23 -4.35 -3.04
CA VAL A 72 2.20 -3.96 -2.02
C VAL A 72 3.50 -3.46 -2.65
N ASN A 73 3.90 -4.05 -3.77
CA ASN A 73 5.16 -3.69 -4.42
C ASN A 73 5.01 -2.56 -5.42
N ILE A 74 3.81 -2.05 -5.64
CA ILE A 74 3.57 -0.90 -6.50
C ILE A 74 3.23 0.29 -5.61
N LEU A 75 3.72 1.47 -5.98
CA LEU A 75 3.44 2.68 -5.22
C LEU A 75 1.94 2.90 -5.09
N LEU A 76 1.51 3.36 -3.92
CA LEU A 76 0.09 3.47 -3.61
C LEU A 76 -0.40 4.86 -4.03
N PHE A 77 -1.09 4.90 -5.17
CA PHE A 77 -1.73 6.13 -5.61
C PHE A 77 -2.92 6.44 -4.71
N MET A 78 -2.99 7.69 -4.22
CA MET A 78 -4.06 8.04 -3.29
C MET A 78 -5.04 9.08 -3.83
N GLY A 79 -4.69 9.82 -4.87
CA GLY A 79 -5.65 10.76 -5.44
C GLY A 79 -4.99 11.69 -6.42
N TYR A 80 -5.82 12.56 -7.00
CA TYR A 80 -5.36 13.58 -7.93
C TYR A 80 -6.07 14.89 -7.64
N SER A 81 -5.33 15.99 -7.77
CA SER A 81 -5.84 17.33 -7.54
C SER A 81 -5.65 18.18 -8.79
N THR A 82 -6.66 18.98 -9.13
CA THR A 82 -6.63 19.76 -10.35
C THR A 82 -6.83 21.27 -10.15
N LYS A 83 -7.16 21.72 -8.93
CA LYS A 83 -7.51 23.12 -8.77
C LYS A 83 -6.29 24.04 -8.72
N PRO A 84 -5.35 23.88 -7.77
CA PRO A 84 -4.20 24.79 -7.77
C PRO A 84 -3.21 24.49 -8.89
N GLN A 85 -2.94 23.21 -9.11
CA GLN A 85 -2.05 22.77 -10.19
C GLN A 85 -2.30 21.28 -10.40
N LEU A 86 -2.13 20.86 -11.65
CA LEU A 86 -2.39 19.47 -12.00
C LEU A 86 -1.39 18.57 -11.28
N ALA A 87 -1.89 17.71 -10.37
CA ALA A 87 -1.00 17.04 -9.45
C ALA A 87 -1.54 15.68 -9.04
N ILE A 88 -0.61 14.78 -8.68
CA ILE A 88 -0.89 13.43 -8.24
C ILE A 88 -0.36 13.25 -6.82
N VAL A 89 -1.22 12.77 -5.91
CA VAL A 89 -0.87 12.58 -4.51
C VAL A 89 -0.86 11.08 -4.23
N THR A 90 0.29 10.58 -3.75
CA THR A 90 0.48 9.18 -3.38
C THR A 90 1.00 9.12 -1.95
N GLN A 91 1.26 7.90 -1.49
CA GLN A 91 1.77 7.70 -0.13
C GLN A 91 3.20 8.22 0.00
N TRP A 92 3.64 8.37 1.25
CA TRP A 92 5.00 8.76 1.57
C TRP A 92 5.74 7.57 2.16
N CYS A 93 6.90 7.26 1.61
CA CYS A 93 7.71 6.12 2.03
C CYS A 93 9.08 6.60 2.47
N GLU A 94 9.55 6.10 3.60
CA GLU A 94 10.86 6.46 4.12
C GLU A 94 11.93 5.57 3.51
N GLY A 95 13.00 6.18 3.00
CA GLY A 95 14.10 5.47 2.41
C GLY A 95 14.65 6.23 1.22
N SER A 96 15.28 5.49 0.30
CA SER A 96 15.84 6.06 -0.91
C SER A 96 15.65 5.06 -2.06
N SER A 97 16.07 5.47 -3.25
CA SER A 97 15.98 4.61 -4.42
C SER A 97 17.06 3.54 -4.40
N LEU A 98 16.78 2.42 -5.06
CA LEU A 98 17.75 1.34 -5.19
C LEU A 98 19.03 1.82 -5.85
N TYR A 99 18.92 2.76 -6.80
CA TYR A 99 20.10 3.37 -7.42
C TYR A 99 20.98 4.03 -6.37
N HIS A 100 20.37 4.78 -5.45
CA HIS A 100 21.15 5.45 -4.41
C HIS A 100 21.73 4.45 -3.43
N HIS A 101 20.98 3.40 -3.10
CA HIS A 101 21.45 2.39 -2.16
C HIS A 101 22.67 1.66 -2.72
N LEU A 102 22.57 1.12 -3.93
CA LEU A 102 23.62 0.28 -4.48
C LEU A 102 24.80 1.09 -5.00
N HIS A 103 24.53 2.14 -5.79
CA HIS A 103 25.59 2.87 -6.48
C HIS A 103 26.14 4.04 -5.69
N ALA A 104 25.27 4.85 -5.08
CA ALA A 104 25.73 6.07 -4.43
C ALA A 104 26.31 5.80 -3.05
N SER A 105 25.68 4.91 -2.29
CA SER A 105 26.16 4.57 -0.96
C SER A 105 26.99 3.30 -0.92
N GLU A 106 26.85 2.43 -1.91
CA GLU A 106 27.54 1.14 -1.97
C GLU A 106 27.36 0.37 -0.66
N THR A 107 26.12 0.31 -0.20
CA THR A 107 25.79 -0.42 1.02
C THR A 107 25.99 -1.92 0.79
N LYS A 108 26.68 -2.56 1.73
CA LYS A 108 26.93 -4.00 1.66
C LYS A 108 25.62 -4.73 1.85
N PHE A 109 25.01 -5.15 0.75
CA PHE A 109 23.75 -5.87 0.77
C PHE A 109 24.02 -7.36 0.67
N GLU A 110 23.48 -8.12 1.62
CA GLU A 110 23.59 -9.56 1.55
C GLU A 110 22.83 -10.09 0.34
N MET A 111 23.25 -11.28 -0.13
CA MET A 111 22.61 -11.86 -1.30
C MET A 111 21.13 -12.13 -1.06
N LYS A 112 20.75 -12.43 0.18
CA LYS A 112 19.34 -12.62 0.50
C LYS A 112 18.54 -11.34 0.26
N LYS A 113 19.07 -10.19 0.70
CA LYS A 113 18.38 -8.93 0.46
C LYS A 113 18.27 -8.64 -1.04
N LEU A 114 19.33 -8.96 -1.79
CA LEU A 114 19.31 -8.73 -3.24
C LEU A 114 18.24 -9.57 -3.91
N ILE A 115 18.19 -10.87 -3.59
CA ILE A 115 17.19 -11.72 -4.23
C ILE A 115 15.78 -11.37 -3.75
N ASP A 116 15.64 -10.86 -2.52
CA ASP A 116 14.32 -10.43 -2.07
C ASP A 116 13.85 -9.19 -2.82
N ILE A 117 14.74 -8.22 -3.02
CA ILE A 117 14.40 -7.05 -3.81
C ILE A 117 14.04 -7.46 -5.24
N ALA A 118 14.80 -8.42 -5.79
CA ALA A 118 14.50 -8.92 -7.13
C ALA A 118 13.12 -9.58 -7.18
N ARG A 119 12.79 -10.39 -6.18
CA ARG A 119 11.49 -11.05 -6.15
C ARG A 119 10.37 -10.04 -6.07
N GLN A 120 10.53 -9.00 -5.25
CA GLN A 120 9.48 -8.00 -5.11
C GLN A 120 9.31 -7.19 -6.39
N THR A 121 10.42 -6.78 -7.02
CA THR A 121 10.33 -6.10 -8.31
C THR A 121 9.64 -6.97 -9.35
N ALA A 122 9.94 -8.28 -9.33
CA ALA A 122 9.30 -9.18 -10.28
C ALA A 122 7.81 -9.32 -10.01
N ARG A 123 7.42 -9.37 -8.74
CA ARG A 123 6.00 -9.37 -8.39
C ARG A 123 5.31 -8.13 -8.94
N GLY A 124 5.91 -6.96 -8.71
CA GLY A 124 5.31 -5.72 -9.19
C GLY A 124 5.18 -5.68 -10.71
N MET A 125 6.23 -6.10 -11.41
CA MET A 125 6.19 -6.06 -12.87
C MET A 125 5.21 -7.08 -13.43
N ASP A 126 5.12 -8.26 -12.82
CA ASP A 126 4.13 -9.25 -13.24
C ASP A 126 2.72 -8.72 -13.01
N TYR A 127 2.51 -7.99 -11.91
CA TYR A 127 1.22 -7.39 -11.66
C TYR A 127 0.88 -6.35 -12.73
N LEU A 128 1.85 -5.49 -13.06
CA LEU A 128 1.64 -4.50 -14.11
C LEU A 128 1.30 -5.15 -15.45
N HIS A 129 2.08 -6.15 -15.86
CA HIS A 129 1.86 -6.79 -17.15
C HIS A 129 0.57 -7.60 -17.19
N ALA A 130 0.14 -8.14 -16.04
CA ALA A 130 -1.14 -8.85 -16.02
C ALA A 130 -2.30 -7.93 -16.36
N LYS A 131 -2.17 -6.64 -16.06
CA LYS A 131 -3.16 -5.64 -16.42
C LYS A 131 -2.85 -4.95 -17.76
N SER A 132 -1.91 -5.49 -18.53
CA SER A 132 -1.47 -4.87 -19.78
C SER A 132 -1.03 -3.42 -19.57
N ILE A 133 -0.33 -3.18 -18.47
CA ILE A 133 0.26 -1.87 -18.18
C ILE A 133 1.75 -1.94 -18.51
N ILE A 134 2.22 -0.98 -19.29
CA ILE A 134 3.58 -0.99 -19.81
C ILE A 134 4.37 0.10 -19.09
N HIS A 135 5.22 -0.30 -18.15
CA HIS A 135 6.14 0.62 -17.50
C HIS A 135 7.27 0.91 -18.48
N ARG A 136 7.21 2.08 -19.12
CA ARG A 136 8.17 2.39 -20.17
C ARG A 136 9.53 2.81 -19.62
N ASP A 137 9.55 3.49 -18.48
CA ASP A 137 10.80 3.99 -17.92
C ASP A 137 11.17 3.23 -16.65
N LEU A 138 11.31 1.91 -16.75
CA LEU A 138 11.71 1.10 -15.61
C LEU A 138 13.22 1.16 -15.43
N LYS A 139 13.66 1.66 -14.28
CA LYS A 139 15.08 1.69 -13.98
C LYS A 139 15.27 1.58 -12.47
N SER A 140 16.50 1.26 -12.07
CA SER A 140 16.82 1.10 -10.67
C SER A 140 16.70 2.40 -9.88
N ASN A 141 16.64 3.54 -10.56
CA ASN A 141 16.44 4.81 -9.88
C ASN A 141 14.98 5.08 -9.57
N ASN A 142 14.07 4.40 -10.25
CA ASN A 142 12.64 4.51 -9.98
C ASN A 142 12.13 3.42 -9.04
N ILE A 143 13.03 2.65 -8.44
CA ILE A 143 12.67 1.59 -7.51
C ILE A 143 12.99 2.08 -6.10
N PHE A 144 11.96 2.41 -5.35
CA PHE A 144 12.11 2.94 -4.01
C PHE A 144 12.07 1.80 -3.00
N LEU A 145 12.94 1.87 -2.00
CA LEU A 145 13.02 0.85 -0.95
C LEU A 145 12.43 1.45 0.32
N HIS A 146 11.12 1.28 0.48
CA HIS A 146 10.47 1.71 1.72
C HIS A 146 10.95 0.86 2.89
N GLU A 147 11.23 1.54 4.01
CA GLU A 147 11.89 0.90 5.15
C GLU A 147 13.13 0.18 4.67
N ASP A 148 13.06 -1.15 4.63
CA ASP A 148 14.05 -1.96 3.95
C ASP A 148 13.35 -3.18 3.36
N ASN A 149 14.00 -3.78 2.36
CA ASN A 149 13.53 -4.96 1.63
C ASN A 149 12.05 -4.86 1.23
N THR A 150 11.51 -3.64 1.12
CA THR A 150 10.15 -3.43 0.59
C THR A 150 10.25 -2.56 -0.65
N VAL A 151 9.92 -3.13 -1.80
CA VAL A 151 10.05 -2.46 -3.09
C VAL A 151 8.75 -1.76 -3.44
N LYS A 152 8.85 -0.52 -3.92
CA LYS A 152 7.72 0.22 -4.46
C LYS A 152 8.17 0.92 -5.74
N ILE A 153 7.38 0.80 -6.80
CA ILE A 153 7.74 1.26 -8.13
C ILE A 153 6.85 2.42 -8.54
N GLY A 154 7.45 3.45 -9.12
CA GLY A 154 6.71 4.60 -9.57
C GLY A 154 7.42 5.33 -10.71
N ASP A 155 7.08 6.61 -10.86
CA ASP A 155 7.65 7.49 -11.88
C ASP A 155 7.42 6.97 -13.30
N PHE A 156 6.17 6.58 -13.58
CA PHE A 156 5.80 6.18 -14.93
C PHE A 156 4.56 6.96 -15.40
N PHE A 171 2.29 10.01 -32.18
CA PHE A 171 1.36 11.04 -31.72
C PHE A 171 2.01 12.42 -31.83
N GLU A 172 1.90 13.03 -33.00
CA GLU A 172 2.47 14.37 -33.23
C GLU A 172 1.51 15.41 -32.66
N GLN A 173 1.83 15.91 -31.47
CA GLN A 173 0.99 16.93 -30.85
C GLN A 173 1.13 18.28 -31.55
N LEU A 174 2.34 18.59 -32.02
CA LEU A 174 2.57 19.82 -32.78
C LEU A 174 1.84 19.76 -34.12
N SER A 175 0.56 20.16 -34.11
CA SER A 175 -0.26 20.03 -35.32
C SER A 175 0.15 21.03 -36.39
N GLY A 176 0.65 22.20 -35.99
CA GLY A 176 0.91 23.25 -36.96
C GLY A 176 2.08 22.94 -37.88
N SER A 177 3.17 22.41 -37.31
CA SER A 177 4.39 22.15 -38.07
C SER A 177 4.42 20.78 -38.71
N ILE A 178 3.26 20.23 -39.12
CA ILE A 178 3.23 18.90 -39.68
C ILE A 178 3.81 18.89 -41.10
N LEU A 179 3.49 19.91 -41.90
CA LEU A 179 3.88 19.92 -43.30
C LEU A 179 5.38 20.13 -43.48
N TRP A 180 5.99 21.01 -42.69
CA TRP A 180 7.37 21.41 -42.94
C TRP A 180 8.41 20.41 -42.48
N MET A 181 8.06 19.46 -41.61
CA MET A 181 9.05 18.53 -41.10
C MET A 181 9.44 17.51 -42.18
N ALA A 182 10.71 17.13 -42.16
CA ALA A 182 11.27 16.24 -43.16
C ALA A 182 10.85 14.79 -42.91
N PRO A 183 10.92 13.93 -43.93
CA PRO A 183 10.64 12.50 -43.72
C PRO A 183 11.52 11.88 -42.64
N GLU A 184 12.68 12.46 -42.35
CA GLU A 184 13.50 11.97 -41.26
C GLU A 184 12.77 12.11 -39.92
N VAL A 185 12.13 13.26 -39.70
CA VAL A 185 11.49 13.54 -38.43
C VAL A 185 10.05 13.03 -38.39
N ILE A 186 9.37 12.96 -39.54
CA ILE A 186 8.00 12.45 -39.55
C ILE A 186 7.98 10.98 -39.13
N ARG A 187 8.92 10.19 -39.67
CA ARG A 187 8.98 8.77 -39.32
C ARG A 187 9.35 8.56 -37.85
N MET A 188 10.16 9.46 -37.29
CA MET A 188 10.60 9.31 -35.90
C MET A 188 9.47 9.56 -34.90
N GLN A 189 8.54 10.46 -35.23
CA GLN A 189 7.48 10.78 -34.27
C GLN A 189 6.48 9.64 -34.12
N ASP A 190 6.27 8.86 -35.18
CA ASP A 190 5.28 7.79 -35.15
C ASP A 190 5.78 6.52 -34.47
N SER A 191 7.09 6.38 -34.25
CA SER A 191 7.64 5.16 -33.72
C SER A 191 7.17 4.89 -32.29
N ASN A 192 6.91 3.62 -31.99
CA ASN A 192 6.39 3.20 -30.68
C ASN A 192 7.16 1.97 -30.22
N PRO A 193 8.41 2.14 -29.78
CA PRO A 193 9.27 0.99 -29.48
C PRO A 193 8.96 0.29 -28.16
N TYR A 194 8.33 0.97 -27.22
CA TYR A 194 8.12 0.42 -25.88
C TYR A 194 7.09 -0.71 -25.89
N SER A 195 7.43 -1.80 -25.21
CA SER A 195 6.57 -2.98 -25.10
C SER A 195 7.02 -3.78 -23.88
N PHE A 196 6.42 -4.96 -23.69
CA PHE A 196 6.80 -5.82 -22.57
C PHE A 196 8.25 -6.25 -22.65
N GLN A 197 8.79 -6.40 -23.87
CA GLN A 197 10.16 -6.87 -24.02
C GLN A 197 11.16 -5.82 -23.55
N SER A 198 10.89 -4.55 -23.81
CA SER A 198 11.73 -3.49 -23.26
C SER A 198 11.69 -3.51 -21.73
N ASP A 199 10.53 -3.82 -21.16
CA ASP A 199 10.41 -3.87 -19.71
C ASP A 199 11.21 -5.04 -19.14
N VAL A 200 11.18 -6.21 -19.79
CA VAL A 200 11.95 -7.32 -19.25
C VAL A 200 13.45 -7.08 -19.45
N TYR A 201 13.84 -6.37 -20.52
CA TYR A 201 15.24 -6.01 -20.66
C TYR A 201 15.68 -5.05 -19.55
N ALA A 202 14.86 -4.04 -19.24
CA ALA A 202 15.17 -3.14 -18.13
C ALA A 202 15.25 -3.90 -16.81
N PHE A 203 14.37 -4.89 -16.62
CA PHE A 203 14.41 -5.72 -15.42
C PHE A 203 15.71 -6.52 -15.35
N GLY A 204 16.16 -7.03 -16.50
CA GLY A 204 17.44 -7.72 -16.52
C GLY A 204 18.61 -6.82 -16.19
N ILE A 205 18.58 -5.59 -16.70
CA ILE A 205 19.63 -4.63 -16.35
C ILE A 205 19.60 -4.32 -14.85
N VAL A 206 18.39 -4.22 -14.28
CA VAL A 206 18.27 -3.98 -12.84
C VAL A 206 18.81 -5.17 -12.05
N LEU A 207 18.56 -6.38 -12.54
CA LEU A 207 19.15 -7.57 -11.91
C LEU A 207 20.67 -7.53 -11.97
N TYR A 208 21.21 -7.08 -13.11
CA TYR A 208 22.65 -6.90 -13.24
C TYR A 208 23.17 -5.92 -12.20
N GLU A 209 22.47 -4.79 -12.03
CA GLU A 209 22.87 -3.83 -11.01
C GLU A 209 22.84 -4.45 -9.62
N LEU A 210 21.78 -5.21 -9.32
CA LEU A 210 21.66 -5.84 -8.00
C LEU A 210 22.81 -6.79 -7.73
N MET A 211 23.11 -7.66 -8.70
CA MET A 211 24.08 -8.73 -8.46
C MET A 211 25.51 -8.22 -8.50
N THR A 212 25.86 -7.43 -9.52
CA THR A 212 27.21 -6.89 -9.61
C THR A 212 27.44 -5.80 -8.56
N GLY A 213 26.48 -4.90 -8.39
CA GLY A 213 26.64 -3.78 -7.51
C GLY A 213 27.07 -2.50 -8.17
N GLN A 214 27.05 -2.44 -9.51
CA GLN A 214 27.50 -1.27 -10.24
C GLN A 214 26.70 -1.16 -11.53
N LEU A 215 26.65 0.06 -12.08
CA LEU A 215 25.93 0.30 -13.31
C LEU A 215 26.58 -0.47 -14.47
N PRO A 216 25.79 -0.95 -15.42
CA PRO A 216 26.37 -1.65 -16.56
C PRO A 216 27.21 -0.71 -17.40
N TYR A 217 28.20 -1.29 -18.09
CA TYR A 217 29.15 -0.54 -18.91
C TYR A 217 29.81 0.57 -18.08
N SER A 218 30.42 0.15 -16.97
CA SER A 218 31.04 1.13 -16.07
C SER A 218 32.27 1.77 -16.70
N ASN A 219 32.99 1.05 -17.57
CA ASN A 219 34.17 1.63 -18.19
C ASN A 219 33.79 2.70 -19.20
N ILE A 220 32.78 2.43 -20.03
CA ILE A 220 32.41 3.33 -21.11
C ILE A 220 31.65 4.51 -20.49
N ASN A 221 32.38 5.60 -20.22
CA ASN A 221 31.76 6.83 -19.72
C ASN A 221 31.32 7.76 -20.83
N ASN A 222 30.93 7.21 -21.98
CA ASN A 222 30.47 7.99 -23.12
C ASN A 222 29.08 7.51 -23.51
N ARG A 223 28.13 8.44 -23.57
CA ARG A 223 26.75 8.09 -23.87
C ARG A 223 26.59 7.60 -25.30
N ASP A 224 27.20 8.30 -26.26
CA ASP A 224 27.03 7.97 -27.66
C ASP A 224 27.55 6.58 -27.98
N GLN A 225 28.70 6.21 -27.43
CA GLN A 225 29.26 4.88 -27.68
C GLN A 225 28.32 3.79 -27.19
N ILE A 226 27.81 3.93 -25.97
CA ILE A 226 26.90 2.92 -25.43
C ILE A 226 25.63 2.85 -26.24
N ILE A 227 25.06 4.01 -26.60
CA ILE A 227 23.85 4.05 -27.41
C ILE A 227 24.07 3.32 -28.74
N GLU A 228 25.16 3.63 -29.43
CA GLU A 228 25.41 3.02 -30.73
C GLU A 228 25.62 1.51 -30.59
N MET A 229 26.43 1.10 -29.61
CA MET A 229 26.76 -0.32 -29.48
C MET A 229 25.57 -1.15 -29.04
N VAL A 230 24.66 -0.58 -28.24
CA VAL A 230 23.45 -1.30 -27.85
C VAL A 230 22.44 -1.31 -28.99
N GLY A 231 22.36 -0.22 -29.75
CA GLY A 231 21.48 -0.21 -30.91
C GLY A 231 21.89 -1.23 -31.95
N ARG A 232 23.20 -1.36 -32.17
CA ARG A 232 23.73 -2.38 -33.07
C ARG A 232 23.94 -3.73 -32.38
N GLY A 233 23.51 -3.85 -31.12
CA GLY A 233 23.62 -5.11 -30.42
C GLY A 233 25.04 -5.60 -30.21
N SER A 234 26.03 -4.73 -30.37
CA SER A 234 27.41 -5.15 -30.25
C SER A 234 27.86 -5.31 -28.80
N LEU A 235 27.22 -4.62 -27.86
CA LEU A 235 27.64 -4.65 -26.46
C LEU A 235 26.48 -5.10 -25.59
N SER A 236 26.78 -6.02 -24.67
CA SER A 236 25.85 -6.48 -23.65
C SER A 236 26.60 -6.54 -22.32
N PRO A 237 25.92 -6.27 -21.21
CA PRO A 237 26.60 -6.32 -19.90
C PRO A 237 27.13 -7.72 -19.62
N ASP A 238 28.43 -7.80 -19.32
CA ASP A 238 29.08 -9.08 -19.09
C ASP A 238 28.65 -9.66 -17.75
N LEU A 239 28.05 -10.85 -17.78
CA LEU A 239 27.60 -11.49 -16.55
C LEU A 239 28.75 -12.07 -15.74
N SER A 240 30.00 -11.93 -16.22
CA SER A 240 31.14 -12.43 -15.47
C SER A 240 31.45 -11.56 -14.25
N LYS A 241 31.08 -10.28 -14.30
CA LYS A 241 31.33 -9.38 -13.18
C LYS A 241 30.32 -9.53 -12.04
N VAL A 242 29.45 -10.54 -12.11
CA VAL A 242 28.48 -10.77 -11.04
C VAL A 242 29.20 -11.26 -9.79
N ARG A 243 28.67 -10.90 -8.62
CA ARG A 243 29.25 -11.32 -7.36
C ARG A 243 29.28 -12.84 -7.25
N SER A 244 30.30 -13.34 -6.54
CA SER A 244 30.46 -14.79 -6.38
C SER A 244 29.32 -15.40 -5.57
N ASN A 245 28.73 -14.64 -4.64
CA ASN A 245 27.64 -15.18 -3.83
C ASN A 245 26.39 -15.46 -4.64
N CYS A 246 26.26 -14.87 -5.82
CA CYS A 246 25.05 -15.05 -6.62
C CYS A 246 24.96 -16.48 -7.15
N PRO A 247 23.78 -17.11 -7.10
CA PRO A 247 23.63 -18.46 -7.63
C PRO A 247 23.66 -18.47 -9.15
N LYS A 248 23.81 -19.68 -9.70
CA LYS A 248 23.91 -19.85 -11.14
C LYS A 248 22.55 -19.69 -11.83
N ARG A 249 21.47 -20.14 -11.18
CA ARG A 249 20.15 -20.02 -11.79
C ARG A 249 19.74 -18.57 -11.98
N MET A 250 20.11 -17.70 -11.03
CA MET A 250 19.81 -16.28 -11.18
C MET A 250 20.52 -15.68 -12.38
N LYS A 251 21.80 -16.01 -12.56
CA LYS A 251 22.53 -15.51 -13.71
C LYS A 251 21.97 -16.06 -15.01
N ARG A 252 21.54 -17.32 -15.00
CA ARG A 252 20.92 -17.90 -16.20
C ARG A 252 19.64 -17.15 -16.57
N LEU A 253 18.77 -16.92 -15.58
CA LEU A 253 17.54 -16.18 -15.85
C LEU A 253 17.84 -14.76 -16.31
N MET A 254 18.83 -14.10 -15.69
CA MET A 254 19.20 -12.74 -16.07
C MET A 254 19.66 -12.70 -17.53
N ALA A 255 20.53 -13.63 -17.92
CA ALA A 255 20.98 -13.68 -19.30
C ALA A 255 19.82 -13.98 -20.25
N GLU A 256 18.88 -14.82 -19.81
CA GLU A 256 17.70 -15.09 -20.64
C GLU A 256 16.85 -13.85 -20.84
N CYS A 257 16.79 -12.96 -19.84
CA CYS A 257 16.01 -11.74 -19.97
C CYS A 257 16.68 -10.70 -20.86
N LEU A 258 17.97 -10.84 -21.15
CA LEU A 258 18.71 -9.88 -21.94
C LEU A 258 18.87 -10.30 -23.40
N LYS A 259 17.93 -11.09 -23.93
CA LYS A 259 18.01 -11.51 -25.32
C LYS A 259 17.80 -10.31 -26.24
N LYS A 260 18.68 -10.16 -27.24
CA LYS A 260 18.58 -9.03 -28.15
C LYS A 260 17.28 -9.06 -28.95
N LYS A 261 16.90 -10.22 -29.45
CA LYS A 261 15.61 -10.37 -30.11
C LYS A 261 14.49 -10.28 -29.08
N ARG A 262 13.47 -9.47 -29.38
CA ARG A 262 12.40 -9.23 -28.43
C ARG A 262 11.63 -10.50 -28.10
N ASP A 263 11.34 -11.32 -29.12
CA ASP A 263 10.52 -12.50 -28.90
C ASP A 263 11.22 -13.56 -28.06
N GLU A 264 12.55 -13.56 -28.03
CA GLU A 264 13.27 -14.55 -27.24
C GLU A 264 13.18 -14.26 -25.75
N ARG A 265 12.91 -13.02 -25.36
CA ARG A 265 12.81 -12.70 -23.94
C ARG A 265 11.55 -13.32 -23.33
N PRO A 266 11.66 -13.94 -22.16
CA PRO A 266 10.51 -14.61 -21.56
C PRO A 266 9.51 -13.63 -20.98
N SER A 267 8.35 -14.16 -20.63
CA SER A 267 7.29 -13.37 -20.00
C SER A 267 7.49 -13.35 -18.48
N PHE A 268 6.99 -12.29 -17.87
CA PHE A 268 7.25 -12.06 -16.44
C PHE A 268 6.68 -13.12 -15.50
N PRO A 269 5.56 -13.80 -15.79
CA PRO A 269 5.17 -14.90 -14.88
C PRO A 269 6.23 -15.96 -14.73
N ARG A 270 6.86 -16.37 -15.84
CA ARG A 270 7.94 -17.35 -15.76
C ARG A 270 9.12 -16.80 -14.97
N ILE A 271 9.42 -15.51 -15.13
CA ILE A 271 10.51 -14.88 -14.40
C ILE A 271 10.23 -14.93 -12.90
N LEU A 272 9.01 -14.57 -12.50
CA LEU A 272 8.65 -14.58 -11.09
C LEU A 272 8.69 -16.00 -10.53
N ALA A 273 8.21 -16.98 -11.31
CA ALA A 273 8.26 -18.37 -10.87
C ALA A 273 9.71 -18.83 -10.67
N GLU A 274 10.59 -18.49 -11.61
CA GLU A 274 11.99 -18.88 -11.48
C GLU A 274 12.66 -18.21 -10.30
N ILE A 275 12.38 -16.92 -10.06
CA ILE A 275 12.98 -16.23 -8.93
C ILE A 275 12.49 -16.82 -7.61
N GLU A 276 11.18 -17.11 -7.51
CA GLU A 276 10.66 -17.71 -6.30
C GLU A 276 11.25 -19.10 -6.06
N GLU A 277 11.38 -19.90 -7.12
CA GLU A 277 11.96 -21.23 -6.99
C GLU A 277 13.41 -21.16 -6.56
N LEU A 278 14.19 -20.24 -7.14
CA LEU A 278 15.59 -20.09 -6.75
C LEU A 278 15.72 -19.62 -5.31
N ALA A 279 14.85 -18.70 -4.88
CA ALA A 279 14.87 -18.23 -3.50
C ALA A 279 14.53 -19.37 -2.53
N ARG A 280 13.53 -20.17 -2.87
CA ARG A 280 13.18 -21.32 -2.02
C ARG A 280 14.32 -22.33 -1.97
N GLU A 281 14.97 -22.56 -3.11
CA GLU A 281 16.09 -23.51 -3.14
C GLU A 281 17.27 -23.01 -2.30
N LEU A 282 17.57 -21.71 -2.38
CA LEU A 282 18.71 -21.16 -1.66
C LEU A 282 18.35 -20.65 -0.26
N SER A 283 17.11 -20.82 0.17
CA SER A 283 16.65 -20.42 1.51
C SER A 283 17.00 -18.98 1.83
N ASP B 9 -16.36 -3.26 -9.34
CA ASP B 9 -17.00 -3.77 -10.54
C ASP B 9 -15.96 -4.26 -11.54
N ASP B 10 -14.77 -3.66 -11.51
CA ASP B 10 -13.68 -4.04 -12.40
C ASP B 10 -12.49 -4.61 -11.63
N TRP B 11 -12.72 -5.10 -10.41
CA TRP B 11 -11.66 -5.61 -9.56
C TRP B 11 -11.79 -7.10 -9.28
N GLU B 12 -12.70 -7.79 -9.95
CA GLU B 12 -12.88 -9.22 -9.74
C GLU B 12 -11.66 -9.98 -10.25
N ILE B 13 -11.05 -10.77 -9.37
CA ILE B 13 -9.94 -11.64 -9.76
C ILE B 13 -10.56 -12.93 -10.29
N PRO B 14 -10.26 -13.33 -11.53
CA PRO B 14 -10.87 -14.54 -12.10
C PRO B 14 -10.47 -15.79 -11.33
N ASP B 15 -11.26 -16.85 -11.55
CA ASP B 15 -11.02 -18.11 -10.87
C ASP B 15 -9.76 -18.78 -11.42
N GLY B 16 -9.18 -19.66 -10.62
CA GLY B 16 -7.97 -20.36 -10.98
C GLY B 16 -6.69 -19.56 -10.84
N GLN B 17 -6.76 -18.23 -10.88
CA GLN B 17 -5.54 -17.44 -10.73
C GLN B 17 -5.02 -17.49 -9.31
N ILE B 18 -5.92 -17.54 -8.33
CA ILE B 18 -5.55 -17.51 -6.92
C ILE B 18 -5.29 -18.93 -6.46
N THR B 19 -4.11 -19.18 -5.91
CA THR B 19 -3.78 -20.46 -5.32
C THR B 19 -3.90 -20.35 -3.80
N VAL B 20 -4.64 -21.26 -3.21
CA VAL B 20 -4.94 -21.20 -1.78
C VAL B 20 -3.89 -21.95 -0.99
N GLY B 21 -3.78 -21.63 0.30
CA GLY B 21 -2.78 -22.23 1.16
C GLY B 21 -3.28 -22.55 2.55
N GLN B 22 -2.43 -22.36 3.55
CA GLN B 22 -2.78 -22.68 4.92
C GLN B 22 -3.74 -21.66 5.50
N ARG B 23 -4.67 -22.13 6.33
CA ARG B 23 -5.61 -21.24 7.00
C ARG B 23 -4.96 -20.57 8.20
N ILE B 24 -5.08 -19.26 8.29
CA ILE B 24 -4.47 -18.49 9.37
C ILE B 24 -5.53 -17.69 10.11
N GLY B 25 -6.74 -18.23 10.18
CA GLY B 25 -7.81 -17.55 10.87
C GLY B 25 -9.20 -18.10 10.57
N SER B 26 -10.12 -17.95 11.52
CA SER B 26 -11.48 -18.43 11.34
C SER B 26 -12.45 -17.69 12.26
N PHE B 29 -16.09 -14.37 11.50
CA PHE B 29 -16.28 -13.41 10.43
C PHE B 29 -16.04 -14.05 9.07
N GLY B 30 -14.94 -14.77 8.95
CA GLY B 30 -14.54 -15.36 7.70
C GLY B 30 -13.24 -16.14 7.82
N THR B 31 -13.05 -17.16 6.99
CA THR B 31 -11.86 -18.00 7.07
C THR B 31 -10.74 -17.38 6.25
N VAL B 32 -9.58 -17.18 6.86
CA VAL B 32 -8.46 -16.50 6.23
C VAL B 32 -7.39 -17.51 5.84
N TYR B 33 -6.77 -17.28 4.69
CA TYR B 33 -5.80 -18.19 4.11
C TYR B 33 -4.72 -17.38 3.41
N LYS B 34 -3.47 -17.79 3.56
CA LYS B 34 -2.38 -17.14 2.84
C LYS B 34 -2.27 -17.77 1.46
N GLY B 35 -2.61 -17.00 0.42
CA GLY B 35 -2.54 -17.47 -0.94
C GLY B 35 -1.43 -16.81 -1.74
N LYS B 36 -1.30 -17.27 -2.98
CA LYS B 36 -0.26 -16.79 -3.88
C LYS B 36 -0.92 -16.27 -5.15
N TRP B 37 -0.80 -14.96 -5.37
CA TRP B 37 -1.35 -14.32 -6.56
C TRP B 37 -0.51 -13.07 -6.82
N HIS B 38 0.40 -13.16 -7.78
CA HIS B 38 1.38 -12.11 -8.04
C HIS B 38 2.13 -11.76 -6.77
N GLY B 39 2.51 -12.78 -6.01
CA GLY B 39 3.10 -12.62 -4.70
C GLY B 39 2.14 -13.05 -3.60
N ASP B 40 2.63 -12.94 -2.37
CA ASP B 40 1.86 -13.36 -1.21
C ASP B 40 0.66 -12.44 -1.00
N VAL B 41 -0.52 -13.03 -0.88
CA VAL B 41 -1.75 -12.31 -0.59
C VAL B 41 -2.50 -13.04 0.50
N ALA B 42 -3.51 -12.39 1.05
CA ALA B 42 -4.36 -12.96 2.09
C ALA B 42 -5.81 -12.96 1.61
N VAL B 43 -6.45 -14.12 1.67
CA VAL B 43 -7.80 -14.30 1.15
C VAL B 43 -8.72 -14.65 2.30
N LYS B 44 -9.79 -13.87 2.46
CA LYS B 44 -10.82 -14.12 3.45
C LYS B 44 -12.06 -14.62 2.72
N MET B 45 -12.57 -15.77 3.16
CA MET B 45 -13.69 -16.41 2.49
C MET B 45 -14.90 -16.49 3.41
N LEU B 46 -16.06 -16.43 2.79
CA LEU B 46 -17.38 -16.46 3.41
C LEU B 46 -18.02 -17.82 3.20
N ASN B 47 -18.78 -18.26 4.21
CA ASN B 47 -19.42 -19.57 4.13
C ASN B 47 -20.49 -19.64 3.05
N VAL B 48 -20.92 -18.51 2.50
CA VAL B 48 -21.92 -18.50 1.43
C VAL B 48 -21.33 -19.09 0.15
N PRO B 51 -23.92 -18.75 -2.99
CA PRO B 51 -24.07 -18.08 -4.30
C PRO B 51 -25.52 -17.74 -4.64
N THR B 52 -25.94 -16.52 -4.29
CA THR B 52 -27.28 -16.03 -4.59
C THR B 52 -27.19 -14.61 -5.11
N PRO B 53 -27.96 -14.26 -6.14
CA PRO B 53 -27.86 -12.89 -6.69
C PRO B 53 -28.21 -11.80 -5.70
N GLN B 54 -29.20 -12.03 -4.84
CA GLN B 54 -29.52 -11.05 -3.80
C GLN B 54 -28.33 -10.79 -2.89
N GLN B 55 -27.68 -11.86 -2.43
CA GLN B 55 -26.45 -11.70 -1.65
C GLN B 55 -25.31 -11.18 -2.51
N LEU B 56 -25.33 -11.48 -3.82
CA LEU B 56 -24.26 -11.03 -4.71
C LEU B 56 -24.26 -9.52 -4.86
N GLN B 57 -25.43 -8.90 -4.95
CA GLN B 57 -25.48 -7.44 -5.03
C GLN B 57 -24.96 -6.80 -3.75
N ALA B 58 -25.29 -7.38 -2.59
CA ALA B 58 -24.77 -6.87 -1.33
C ALA B 58 -23.25 -7.02 -1.28
N PHE B 59 -22.72 -8.13 -1.78
CA PHE B 59 -21.27 -8.31 -1.84
C PHE B 59 -20.63 -7.30 -2.76
N LYS B 60 -21.25 -7.03 -3.91
CA LYS B 60 -20.74 -6.01 -4.83
C LYS B 60 -20.73 -4.63 -4.17
N ASN B 61 -21.77 -4.31 -3.41
CA ASN B 61 -21.81 -3.03 -2.71
C ASN B 61 -20.73 -2.96 -1.64
N GLU B 62 -20.50 -4.05 -0.93
CA GLU B 62 -19.42 -4.08 0.05
C GLU B 62 -18.06 -3.90 -0.63
N VAL B 63 -17.90 -4.49 -1.81
CA VAL B 63 -16.67 -4.31 -2.58
C VAL B 63 -16.52 -2.84 -2.97
N GLY B 64 -17.62 -2.21 -3.39
CA GLY B 64 -17.57 -0.79 -3.71
C GLY B 64 -17.21 0.06 -2.51
N VAL B 65 -17.64 -0.35 -1.32
CA VAL B 65 -17.25 0.34 -0.10
C VAL B 65 -15.75 0.17 0.14
N LEU B 66 -15.23 -1.03 -0.10
CA LEU B 66 -13.81 -1.29 0.12
C LEU B 66 -12.93 -0.63 -0.93
N ARG B 67 -13.49 -0.31 -2.11
CA ARG B 67 -12.68 0.23 -3.19
C ARG B 67 -12.21 1.65 -2.91
N LYS B 68 -12.96 2.41 -2.13
CA LYS B 68 -12.60 3.80 -1.84
C LYS B 68 -11.67 3.91 -0.64
N THR B 69 -10.68 3.02 -0.53
CA THR B 69 -9.75 3.04 0.58
C THR B 69 -8.34 2.85 0.02
N ARG B 70 -7.55 3.92 0.06
CA ARG B 70 -6.15 3.88 -0.36
C ARG B 70 -5.34 4.62 0.69
N HIS B 71 -4.65 3.88 1.56
CA HIS B 71 -3.86 4.50 2.62
C HIS B 71 -2.79 3.53 3.08
N VAL B 72 -1.62 4.08 3.40
CA VAL B 72 -0.51 3.25 3.86
C VAL B 72 -0.87 2.53 5.15
N ASN B 73 -1.63 3.19 6.02
CA ASN B 73 -1.99 2.63 7.31
C ASN B 73 -3.29 1.83 7.29
N ILE B 74 -3.96 1.75 6.14
CA ILE B 74 -5.15 0.91 5.97
C ILE B 74 -4.76 -0.29 5.14
N LEU B 75 -5.29 -1.46 5.48
CA LEU B 75 -5.00 -2.67 4.74
C LEU B 75 -5.38 -2.50 3.28
N LEU B 76 -4.55 -3.02 2.38
CA LEU B 76 -4.68 -2.78 0.95
C LEU B 76 -5.59 -3.86 0.35
N PHE B 77 -6.83 -3.49 0.06
CA PHE B 77 -7.73 -4.40 -0.65
C PHE B 77 -7.25 -4.53 -2.08
N MET B 78 -7.10 -5.77 -2.55
CA MET B 78 -6.55 -6.02 -3.88
C MET B 78 -7.54 -6.62 -4.87
N GLY B 79 -8.63 -7.20 -4.40
CA GLY B 79 -9.62 -7.72 -5.31
C GLY B 79 -10.64 -8.56 -4.59
N TYR B 80 -11.61 -9.05 -5.37
CA TYR B 80 -12.65 -9.91 -4.87
C TYR B 80 -12.89 -11.03 -5.87
N SER B 81 -13.15 -12.23 -5.37
CA SER B 81 -13.40 -13.39 -6.20
C SER B 81 -14.77 -13.97 -5.88
N THR B 82 -15.50 -14.33 -6.92
CA THR B 82 -16.85 -14.86 -6.77
C THR B 82 -17.07 -16.23 -7.39
N LYS B 83 -16.12 -16.73 -8.18
CA LYS B 83 -16.34 -17.98 -8.91
C LYS B 83 -16.11 -19.19 -8.01
N PRO B 84 -14.93 -19.41 -7.43
CA PRO B 84 -14.78 -20.60 -6.58
C PRO B 84 -15.50 -20.44 -5.25
N GLN B 85 -15.40 -19.27 -4.62
CA GLN B 85 -16.10 -18.94 -3.39
C GLN B 85 -16.01 -17.43 -3.20
N LEU B 86 -17.06 -16.84 -2.65
CA LEU B 86 -17.07 -15.39 -2.44
C LEU B 86 -16.02 -15.03 -1.40
N ALA B 87 -15.03 -14.25 -1.82
CA ALA B 87 -13.85 -14.01 -1.02
C ALA B 87 -13.26 -12.66 -1.37
N ILE B 88 -12.53 -12.09 -0.41
CA ILE B 88 -11.84 -10.82 -0.55
C ILE B 88 -10.35 -11.07 -0.43
N VAL B 89 -9.58 -10.57 -1.40
CA VAL B 89 -8.14 -10.77 -1.46
C VAL B 89 -7.46 -9.44 -1.20
N THR B 90 -6.61 -9.40 -0.19
CA THR B 90 -5.84 -8.23 0.19
C THR B 90 -4.37 -8.60 0.24
N GLN B 91 -3.54 -7.63 0.63
CA GLN B 91 -2.11 -7.86 0.72
C GLN B 91 -1.78 -8.82 1.86
N TRP B 92 -0.55 -9.35 1.82
CA TRP B 92 -0.02 -10.19 2.88
C TRP B 92 1.05 -9.42 3.64
N CYS B 93 0.93 -9.40 4.96
CA CYS B 93 1.83 -8.65 5.83
C CYS B 93 2.54 -9.60 6.79
N GLU B 94 3.84 -9.43 6.95
CA GLU B 94 4.61 -10.24 7.88
C GLU B 94 4.53 -9.63 9.26
N GLY B 95 4.17 -10.44 10.26
CA GLY B 95 4.03 -9.95 11.61
C GLY B 95 2.87 -10.58 12.34
N SER B 96 2.31 -9.88 13.31
CA SER B 96 1.16 -10.36 14.07
C SER B 96 0.24 -9.18 14.37
N SER B 97 -0.89 -9.47 15.00
CA SER B 97 -1.81 -8.41 15.38
C SER B 97 -1.30 -7.68 16.62
N LEU B 98 -1.70 -6.41 16.75
CA LEU B 98 -1.35 -5.63 17.93
C LEU B 98 -1.83 -6.31 19.20
N TYR B 99 -2.99 -6.98 19.13
CA TYR B 99 -3.47 -7.79 20.24
C TYR B 99 -2.46 -8.85 20.62
N HIS B 100 -1.87 -9.53 19.63
CA HIS B 100 -0.88 -10.56 19.90
C HIS B 100 0.40 -9.96 20.47
N HIS B 101 0.82 -8.80 19.95
CA HIS B 101 2.03 -8.16 20.45
C HIS B 101 1.89 -7.77 21.93
N LEU B 102 0.82 -7.03 22.25
CA LEU B 102 0.70 -6.47 23.60
C LEU B 102 0.24 -7.53 24.60
N HIS B 103 -0.81 -8.27 24.27
CA HIS B 103 -1.43 -9.17 25.24
C HIS B 103 -0.83 -10.57 25.20
N ALA B 104 -0.69 -11.15 24.01
CA ALA B 104 -0.28 -12.55 23.90
C ALA B 104 1.23 -12.71 23.99
N SER B 105 1.99 -11.83 23.33
CA SER B 105 3.44 -11.91 23.34
C SER B 105 4.08 -10.97 24.36
N GLU B 106 3.39 -9.91 24.77
CA GLU B 106 3.92 -8.92 25.72
C GLU B 106 5.30 -8.42 25.29
N THR B 107 5.42 -8.07 24.01
CA THR B 107 6.66 -7.54 23.50
C THR B 107 6.97 -6.19 24.13
N LYS B 108 8.20 -6.02 24.59
CA LYS B 108 8.63 -4.77 25.22
C LYS B 108 8.66 -3.67 24.17
N PHE B 109 7.59 -2.88 24.11
CA PHE B 109 7.47 -1.78 23.16
C PHE B 109 7.82 -0.47 23.84
N GLU B 110 8.76 0.27 23.26
CA GLU B 110 9.07 1.60 23.76
C GLU B 110 7.87 2.52 23.59
N MET B 111 7.82 3.56 24.44
CA MET B 111 6.72 4.51 24.36
C MET B 111 6.66 5.22 23.03
N LYS B 112 7.82 5.42 22.38
CA LYS B 112 7.84 6.01 21.04
C LYS B 112 7.11 5.11 20.05
N LYS B 113 7.37 3.80 20.12
CA LYS B 113 6.68 2.87 19.24
C LYS B 113 5.17 2.85 19.52
N LEU B 114 4.80 2.95 20.80
CA LEU B 114 3.39 2.95 21.16
C LEU B 114 2.67 4.19 20.60
N ILE B 115 3.27 5.36 20.79
CA ILE B 115 2.63 6.58 20.29
C ILE B 115 2.66 6.61 18.76
N ASP B 116 3.66 5.97 18.14
CA ASP B 116 3.67 5.89 16.69
C ASP B 116 2.56 5.00 16.17
N ILE B 117 2.34 3.84 16.81
CA ILE B 117 1.23 2.97 16.45
C ILE B 117 -0.09 3.71 16.63
N ALA B 118 -0.22 4.46 17.72
CA ALA B 118 -1.43 5.25 17.94
C ALA B 118 -1.63 6.28 16.83
N ARG B 119 -0.55 6.96 16.45
CA ARG B 119 -0.63 7.96 15.39
C ARG B 119 -1.03 7.35 14.06
N GLN B 120 -0.48 6.17 13.75
CA GLN B 120 -0.83 5.50 12.50
C GLN B 120 -2.28 5.04 12.49
N THR B 121 -2.74 4.45 13.60
CA THR B 121 -4.15 4.06 13.70
C THR B 121 -5.05 5.29 13.58
N ALA B 122 -4.65 6.42 14.16
CA ALA B 122 -5.45 7.63 14.08
C ALA B 122 -5.49 8.16 12.65
N ARG B 123 -4.36 8.11 11.93
CA ARG B 123 -4.35 8.48 10.53
C ARG B 123 -5.32 7.61 9.74
N GLY B 124 -5.25 6.29 9.94
CA GLY B 124 -6.14 5.40 9.22
C GLY B 124 -7.61 5.65 9.51
N MET B 125 -7.94 5.84 10.78
CA MET B 125 -9.33 6.07 11.16
C MET B 125 -9.83 7.43 10.65
N ASP B 126 -8.98 8.45 10.70
CA ASP B 126 -9.36 9.76 10.16
C ASP B 126 -9.60 9.67 8.66
N TYR B 127 -8.78 8.90 7.95
CA TYR B 127 -9.01 8.71 6.52
C TYR B 127 -10.31 7.96 6.27
N LEU B 128 -10.57 6.90 7.04
CA LEU B 128 -11.82 6.16 6.89
C LEU B 128 -13.02 7.05 7.11
N HIS B 129 -13.02 7.83 8.19
CA HIS B 129 -14.15 8.70 8.48
C HIS B 129 -14.26 9.84 7.47
N ALA B 130 -13.13 10.29 6.92
CA ALA B 130 -13.16 11.29 5.86
C ALA B 130 -13.89 10.77 4.63
N LYS B 131 -13.88 9.46 4.42
CA LYS B 131 -14.62 8.82 3.35
C LYS B 131 -16.03 8.43 3.79
N SER B 132 -16.47 8.92 4.94
CA SER B 132 -17.78 8.56 5.53
C SER B 132 -17.92 7.04 5.65
N ILE B 133 -16.82 6.38 6.02
CA ILE B 133 -16.79 4.95 6.26
C ILE B 133 -16.78 4.71 7.77
N ILE B 134 -17.68 3.85 8.24
CA ILE B 134 -17.86 3.59 9.66
C ILE B 134 -17.33 2.20 9.94
N HIS B 135 -16.16 2.13 10.57
CA HIS B 135 -15.57 0.85 10.98
C HIS B 135 -16.33 0.35 12.20
N ARG B 136 -17.23 -0.61 12.00
CA ARG B 136 -18.11 -1.06 13.07
C ARG B 136 -17.40 -2.01 14.03
N ASP B 137 -16.46 -2.81 13.54
CA ASP B 137 -15.78 -3.79 14.39
C ASP B 137 -14.33 -3.40 14.61
N LEU B 138 -14.11 -2.21 15.18
CA LEU B 138 -12.75 -1.75 15.47
C LEU B 138 -12.28 -2.34 16.79
N LYS B 139 -11.20 -3.12 16.73
CA LYS B 139 -10.60 -3.70 17.93
C LYS B 139 -9.11 -3.92 17.68
N SER B 140 -8.37 -4.13 18.76
CA SER B 140 -6.93 -4.31 18.68
C SER B 140 -6.53 -5.58 17.94
N ASN B 141 -7.45 -6.51 17.72
CA ASN B 141 -7.13 -7.71 16.96
C ASN B 141 -7.19 -7.48 15.46
N ASN B 142 -7.82 -6.39 15.02
CA ASN B 142 -7.88 -6.03 13.62
C ASN B 142 -6.77 -5.07 13.20
N ILE B 143 -5.79 -4.83 14.07
CA ILE B 143 -4.67 -3.96 13.79
C ILE B 143 -3.45 -4.86 13.59
N PHE B 144 -3.04 -5.05 12.35
CA PHE B 144 -1.90 -5.90 12.02
C PHE B 144 -0.65 -5.04 11.92
N LEU B 145 0.47 -5.57 12.44
CA LEU B 145 1.75 -4.86 12.42
C LEU B 145 2.64 -5.48 11.35
N HIS B 146 2.52 -4.96 10.14
CA HIS B 146 3.41 -5.35 9.05
C HIS B 146 4.84 -4.95 9.40
N GLU B 147 5.78 -5.81 9.03
CA GLU B 147 7.16 -5.78 9.52
C GLU B 147 7.11 -5.85 11.04
N ASP B 148 7.37 -4.72 11.71
CA ASP B 148 7.08 -4.64 13.13
C ASP B 148 6.66 -3.22 13.53
N ASN B 149 6.30 -2.38 12.56
CA ASN B 149 5.90 -1.01 12.89
C ASN B 149 5.05 -0.35 11.81
N THR B 150 4.37 -1.11 10.94
CA THR B 150 3.46 -0.53 9.96
C THR B 150 2.05 -1.03 10.25
N VAL B 151 1.15 -0.13 10.55
CA VAL B 151 -0.19 -0.50 10.98
C VAL B 151 -1.07 -0.73 9.75
N LYS B 152 -1.85 -1.81 9.79
CA LYS B 152 -2.83 -2.10 8.74
C LYS B 152 -4.15 -2.47 9.42
N ILE B 153 -5.24 -1.84 8.99
CA ILE B 153 -6.54 -1.97 9.62
C ILE B 153 -7.51 -2.64 8.65
N GLY B 154 -8.32 -3.57 9.15
CA GLY B 154 -9.28 -4.25 8.33
C GLY B 154 -10.50 -4.73 9.10
N ASP B 155 -11.22 -5.70 8.53
CA ASP B 155 -12.43 -6.25 9.14
C ASP B 155 -13.47 -5.16 9.36
N PHE B 156 -13.67 -4.33 8.33
CA PHE B 156 -14.70 -3.30 8.35
C PHE B 156 -15.64 -3.41 7.16
N GLY B 157 -15.81 -4.61 6.62
CA GLY B 157 -16.72 -4.83 5.51
C GLY B 157 -18.04 -5.46 5.95
N GLY B 176 -38.40 -3.33 3.82
CA GLY B 176 -38.40 -3.30 5.27
C GLY B 176 -39.78 -3.21 5.87
N SER B 177 -39.97 -3.86 7.01
CA SER B 177 -41.25 -3.91 7.71
C SER B 177 -41.42 -2.75 8.68
N ILE B 178 -40.95 -1.56 8.31
CA ILE B 178 -40.95 -0.42 9.23
C ILE B 178 -42.38 0.02 9.54
N LEU B 179 -43.28 -0.05 8.56
CA LEU B 179 -44.64 0.45 8.77
C LEU B 179 -45.37 -0.38 9.82
N TRP B 180 -45.15 -1.70 9.81
CA TRP B 180 -45.87 -2.60 10.70
C TRP B 180 -45.34 -2.58 12.12
N MET B 181 -44.14 -2.03 12.34
CA MET B 181 -43.53 -2.05 13.66
C MET B 181 -44.24 -1.10 14.61
N ALA B 182 -44.35 -1.52 15.87
CA ALA B 182 -45.03 -0.75 16.90
C ALA B 182 -44.13 0.37 17.42
N PRO B 183 -44.70 1.42 18.02
CA PRO B 183 -43.87 2.47 18.62
C PRO B 183 -42.88 1.94 19.65
N GLU B 184 -43.18 0.82 20.29
CA GLU B 184 -42.22 0.21 21.22
C GLU B 184 -40.99 -0.28 20.47
N VAL B 185 -41.19 -0.97 19.35
CA VAL B 185 -40.07 -1.55 18.59
C VAL B 185 -39.52 -0.58 17.55
N ILE B 186 -40.34 0.38 17.09
CA ILE B 186 -39.86 1.37 16.13
C ILE B 186 -38.71 2.17 16.71
N ARG B 187 -38.79 2.51 18.00
CA ARG B 187 -37.74 3.30 18.63
C ARG B 187 -36.38 2.61 18.58
N MET B 188 -36.36 1.28 18.59
CA MET B 188 -35.09 0.57 18.54
C MET B 188 -34.43 0.73 17.17
N GLN B 189 -35.22 0.82 16.10
CA GLN B 189 -34.64 0.96 14.76
C GLN B 189 -34.07 2.35 14.53
N ASP B 190 -34.62 3.36 15.22
CA ASP B 190 -34.20 4.74 15.00
C ASP B 190 -32.88 5.07 15.68
N SER B 191 -32.41 4.22 16.59
CA SER B 191 -31.20 4.55 17.35
C SER B 191 -29.98 4.61 16.44
N ASN B 192 -29.74 3.54 15.66
CA ASN B 192 -28.57 3.41 14.82
C ASN B 192 -27.32 3.66 15.68
N PRO B 193 -26.93 2.68 16.50
CA PRO B 193 -25.89 2.97 17.49
C PRO B 193 -24.49 3.06 16.91
N TYR B 194 -24.22 2.40 15.80
CA TYR B 194 -22.89 2.50 15.21
C TYR B 194 -22.74 3.84 14.53
N SER B 195 -21.65 4.54 14.84
CA SER B 195 -21.38 5.86 14.29
C SER B 195 -19.91 6.16 14.50
N PHE B 196 -19.51 7.39 14.18
CA PHE B 196 -18.13 7.81 14.41
C PHE B 196 -17.78 7.77 15.89
N GLN B 197 -18.78 7.98 16.76
CA GLN B 197 -18.51 7.99 18.19
C GLN B 197 -18.18 6.59 18.71
N SER B 198 -18.84 5.57 18.18
CA SER B 198 -18.46 4.20 18.54
C SER B 198 -17.02 3.90 18.10
N ASP B 199 -16.64 4.42 16.93
CA ASP B 199 -15.27 4.19 16.45
C ASP B 199 -14.24 4.91 17.32
N VAL B 200 -14.55 6.14 17.75
CA VAL B 200 -13.58 6.83 18.60
C VAL B 200 -13.55 6.19 19.99
N TYR B 201 -14.67 5.62 20.44
CA TYR B 201 -14.65 4.86 21.70
C TYR B 201 -13.76 3.63 21.57
N ALA B 202 -13.87 2.90 20.47
CA ALA B 202 -12.99 1.77 20.22
C ALA B 202 -11.54 2.22 20.15
N PHE B 203 -11.29 3.38 19.54
CA PHE B 203 -9.93 3.93 19.49
C PHE B 203 -9.41 4.24 20.89
N GLY B 204 -10.27 4.76 21.76
CA GLY B 204 -9.87 4.98 23.13
C GLY B 204 -9.54 3.69 23.87
N ILE B 205 -10.34 2.64 23.60
CA ILE B 205 -10.03 1.33 24.18
C ILE B 205 -8.69 0.83 23.67
N VAL B 206 -8.40 1.06 22.39
CA VAL B 206 -7.10 0.66 21.83
C VAL B 206 -5.97 1.44 22.48
N LEU B 207 -6.20 2.73 22.75
CA LEU B 207 -5.19 3.53 23.46
C LEU B 207 -4.96 2.98 24.87
N TYR B 208 -6.03 2.57 25.54
CA TYR B 208 -5.90 1.95 26.86
C TYR B 208 -5.05 0.69 26.77
N GLU B 209 -5.32 -0.17 25.79
CA GLU B 209 -4.51 -1.37 25.60
C GLU B 209 -3.05 -1.02 25.35
N LEU B 210 -2.81 -0.02 24.48
CA LEU B 210 -1.45 0.37 24.16
C LEU B 210 -0.69 0.84 25.39
N MET B 211 -1.31 1.72 26.16
CA MET B 211 -0.60 2.36 27.27
C MET B 211 -0.46 1.42 28.47
N THR B 212 -1.55 0.76 28.86
CA THR B 212 -1.48 -0.16 30.00
C THR B 212 -0.71 -1.42 29.64
N GLY B 213 -1.00 -2.00 28.48
CA GLY B 213 -0.40 -3.26 28.08
C GLY B 213 -1.24 -4.49 28.37
N GLN B 214 -2.51 -4.31 28.73
CA GLN B 214 -3.38 -5.42 29.08
C GLN B 214 -4.80 -5.08 28.68
N LEU B 215 -5.61 -6.12 28.52
CA LEU B 215 -7.00 -5.94 28.13
C LEU B 215 -7.75 -5.19 29.23
N PRO B 216 -8.72 -4.34 28.87
CA PRO B 216 -9.48 -3.61 29.89
C PRO B 216 -10.36 -4.55 30.72
N TYR B 217 -10.63 -4.11 31.94
CA TYR B 217 -11.40 -4.87 32.93
C TYR B 217 -10.80 -6.27 33.13
N SER B 218 -9.51 -6.28 33.47
CA SER B 218 -8.82 -7.53 33.72
C SER B 218 -9.29 -8.18 35.02
N ASN B 219 -9.72 -7.38 35.99
CA ASN B 219 -10.15 -7.92 37.28
C ASN B 219 -11.48 -8.67 37.17
N ILE B 220 -12.42 -8.14 36.39
CA ILE B 220 -13.77 -8.73 36.36
C ILE B 220 -13.77 -10.06 35.62
N ASN B 221 -13.41 -10.04 34.34
CA ASN B 221 -13.31 -11.25 33.51
C ASN B 221 -14.64 -11.98 33.40
N ASN B 222 -15.75 -11.23 33.44
CA ASN B 222 -17.09 -11.78 33.29
C ASN B 222 -17.79 -11.04 32.16
N ARG B 223 -18.29 -11.78 31.17
CA ARG B 223 -18.85 -11.13 29.99
C ARG B 223 -20.16 -10.40 30.32
N ASP B 224 -21.09 -11.09 30.98
CA ASP B 224 -22.39 -10.48 31.26
C ASP B 224 -22.26 -9.29 32.21
N GLN B 225 -21.43 -9.44 33.26
CA GLN B 225 -21.23 -8.35 34.20
C GLN B 225 -20.65 -7.13 33.52
N ILE B 226 -19.61 -7.33 32.71
CA ILE B 226 -18.99 -6.21 32.00
C ILE B 226 -19.98 -5.56 31.04
N ILE B 227 -20.75 -6.37 30.31
CA ILE B 227 -21.73 -5.83 29.39
C ILE B 227 -22.71 -4.94 30.13
N GLU B 228 -23.27 -5.44 31.24
CA GLU B 228 -24.27 -4.67 31.98
C GLU B 228 -23.67 -3.39 32.55
N MET B 229 -22.50 -3.49 33.18
CA MET B 229 -21.91 -2.33 33.85
C MET B 229 -21.45 -1.27 32.86
N VAL B 230 -21.00 -1.67 31.67
CA VAL B 230 -20.63 -0.67 30.68
C VAL B 230 -21.89 -0.07 30.03
N GLY B 231 -22.94 -0.88 29.87
CA GLY B 231 -24.19 -0.35 29.34
C GLY B 231 -24.80 0.71 30.22
N ARG B 232 -24.77 0.51 31.54
CA ARG B 232 -25.27 1.51 32.47
C ARG B 232 -24.23 2.56 32.83
N GLY B 233 -23.06 2.54 32.17
CA GLY B 233 -22.03 3.54 32.39
C GLY B 233 -21.46 3.55 33.80
N SER B 234 -21.71 2.47 34.55
CA SER B 234 -21.20 2.38 35.92
C SER B 234 -19.74 1.99 35.96
N LEU B 235 -19.24 1.34 34.91
CA LEU B 235 -17.86 0.85 34.87
C LEU B 235 -17.14 1.45 33.67
N SER B 236 -15.92 1.91 33.93
CA SER B 236 -15.00 2.44 32.93
C SER B 236 -13.63 1.81 33.16
N PRO B 237 -12.84 1.62 32.10
CA PRO B 237 -11.52 1.02 32.27
C PRO B 237 -10.67 1.85 33.22
N ASP B 238 -10.11 1.17 34.23
CA ASP B 238 -9.38 1.87 35.28
C ASP B 238 -8.09 2.44 34.71
N LEU B 239 -7.99 3.77 34.72
CA LEU B 239 -6.83 4.47 34.19
C LEU B 239 -5.64 4.47 35.15
N SER B 240 -5.78 3.88 36.34
CA SER B 240 -4.66 3.84 37.26
C SER B 240 -3.60 2.85 36.80
N LYS B 241 -3.99 1.82 36.05
CA LYS B 241 -3.05 0.82 35.55
C LYS B 241 -2.28 1.29 34.33
N VAL B 242 -2.41 2.56 33.95
CA VAL B 242 -1.68 3.07 32.80
C VAL B 242 -0.19 3.13 33.11
N ARG B 243 0.63 2.91 32.09
CA ARG B 243 2.07 2.98 32.27
C ARG B 243 2.49 4.37 32.70
N SER B 244 3.55 4.43 33.52
CA SER B 244 4.07 5.71 33.98
C SER B 244 4.66 6.52 32.83
N ASN B 245 5.18 5.83 31.81
CA ASN B 245 5.79 6.51 30.67
C ASN B 245 4.77 7.27 29.83
N CYS B 246 3.49 6.97 29.96
CA CYS B 246 2.48 7.61 29.12
C CYS B 246 2.38 9.09 29.45
N PRO B 247 2.31 9.96 28.44
CA PRO B 247 2.20 11.39 28.70
C PRO B 247 0.81 11.75 29.21
N LYS B 248 0.72 12.97 29.75
CA LYS B 248 -0.56 13.43 30.30
C LYS B 248 -1.55 13.79 29.19
N ARG B 249 -1.05 14.36 28.09
CA ARG B 249 -1.93 14.70 26.98
C ARG B 249 -2.53 13.44 26.35
N MET B 250 -1.73 12.37 26.25
CA MET B 250 -2.23 11.12 25.68
C MET B 250 -3.34 10.55 26.55
N LYS B 251 -3.14 10.53 27.87
CA LYS B 251 -4.18 10.03 28.77
C LYS B 251 -5.42 10.91 28.74
N ARG B 252 -5.23 12.23 28.61
CA ARG B 252 -6.36 13.14 28.51
C ARG B 252 -7.18 12.85 27.26
N LEU B 253 -6.51 12.68 26.12
CA LEU B 253 -7.22 12.34 24.88
C LEU B 253 -7.92 10.99 25.03
N MET B 254 -7.25 10.02 25.65
CA MET B 254 -7.85 8.71 25.85
C MET B 254 -9.13 8.81 26.67
N ALA B 255 -9.08 9.54 27.78
CA ALA B 255 -10.28 9.73 28.61
C ALA B 255 -11.36 10.48 27.85
N GLU B 256 -10.96 11.43 27.01
CA GLU B 256 -11.94 12.16 26.20
C GLU B 256 -12.63 11.22 25.21
N CYS B 257 -11.91 10.24 24.68
CA CYS B 257 -12.50 9.29 23.76
C CYS B 257 -13.40 8.27 24.45
N LEU B 258 -13.28 8.11 25.76
CA LEU B 258 -14.05 7.15 26.53
C LEU B 258 -15.22 7.79 27.27
N LYS B 259 -15.72 8.91 26.75
CA LYS B 259 -16.86 9.57 27.38
C LYS B 259 -18.12 8.75 27.21
N LYS B 260 -18.86 8.55 28.30
CA LYS B 260 -20.08 7.75 28.23
C LYS B 260 -21.09 8.39 27.28
N LYS B 261 -21.27 9.70 27.37
CA LYS B 261 -22.10 10.42 26.41
C LYS B 261 -21.40 10.44 25.06
N ARG B 262 -22.13 10.10 24.00
CA ARG B 262 -21.54 10.01 22.67
C ARG B 262 -21.03 11.36 22.20
N ASP B 263 -21.79 12.43 22.44
CA ASP B 263 -21.44 13.74 21.92
C ASP B 263 -20.19 14.33 22.56
N GLU B 264 -19.84 13.91 23.77
CA GLU B 264 -18.64 14.44 24.42
C GLU B 264 -17.35 13.93 23.79
N ARG B 265 -17.40 12.81 23.08
CA ARG B 265 -16.20 12.26 22.46
C ARG B 265 -15.74 13.15 21.31
N PRO B 266 -14.43 13.41 21.21
CA PRO B 266 -13.94 14.34 20.19
C PRO B 266 -13.96 13.72 18.80
N SER B 267 -13.76 14.57 17.81
CA SER B 267 -13.69 14.15 16.41
C SER B 267 -12.27 13.74 16.07
N PHE B 268 -12.17 12.82 15.11
CA PHE B 268 -10.88 12.20 14.77
C PHE B 268 -9.85 13.15 14.17
N PRO B 269 -10.24 14.17 13.39
CA PRO B 269 -9.21 15.15 12.97
C PRO B 269 -8.51 15.84 14.13
N ARG B 270 -9.27 16.29 15.14
CA ARG B 270 -8.65 16.91 16.30
C ARG B 270 -7.77 15.93 17.04
N ILE B 271 -8.21 14.67 17.14
CA ILE B 271 -7.41 13.63 17.80
C ILE B 271 -6.10 13.44 17.06
N LEU B 272 -6.16 13.37 15.73
CA LEU B 272 -4.95 13.19 14.94
C LEU B 272 -4.00 14.36 15.09
N ALA B 273 -4.55 15.59 15.11
CA ALA B 273 -3.71 16.76 15.31
C ALA B 273 -3.02 16.73 16.68
N GLU B 274 -3.77 16.38 17.72
CA GLU B 274 -3.19 16.32 19.07
C GLU B 274 -2.14 15.23 19.17
N ILE B 275 -2.40 14.07 18.56
CA ILE B 275 -1.43 12.98 18.60
C ILE B 275 -0.16 13.36 17.86
N GLU B 276 -0.30 14.01 16.70
CA GLU B 276 0.87 14.45 15.95
C GLU B 276 1.67 15.48 16.74
N GLU B 277 0.98 16.42 17.40
CA GLU B 277 1.69 17.41 18.20
C GLU B 277 2.42 16.76 19.37
N LEU B 278 1.77 15.80 20.05
CA LEU B 278 2.41 15.11 21.16
C LEU B 278 3.61 14.30 20.68
N ALA B 279 3.50 13.66 19.52
CA ALA B 279 4.63 12.91 18.98
C ALA B 279 5.79 13.82 18.63
N ARG B 280 5.50 14.99 18.04
CA ARG B 280 6.56 15.95 17.73
C ARG B 280 7.22 16.46 19.00
N GLU B 281 6.43 16.71 20.05
CA GLU B 281 7.00 17.20 21.30
C GLU B 281 7.92 16.18 21.94
N LEU B 282 7.51 14.91 21.95
CA LEU B 282 8.30 13.86 22.59
C LEU B 282 9.25 13.21 21.59
C11 QH1 C . 5.74 10.18 -7.20
C13 QH1 C . 6.93 9.97 -4.95
C14 QH1 C . 8.20 10.10 -4.37
C15 QH1 C . 9.10 10.52 -5.49
C01 QH1 C . 1.11 4.49 -8.64
C02 QH1 C . 1.60 5.86 -9.13
C03 QH1 C . 2.87 5.86 -9.99
C08 QH1 C . 4.51 9.29 -9.24
C09 QH1 C . 5.61 9.39 -8.36
C16 QH1 C . 8.28 10.60 -6.67
C17 QH1 C . 8.94 10.97 -7.87
C18 QH1 C . 10.31 11.26 -7.87
C19 QH1 C . 11.10 11.17 -6.66
C32 QH1 C . 8.55 9.87 -2.93
C33 QH1 C . 7.65 9.46 -1.92
C35 QH1 C . 9.27 9.45 -0.25
C37 QH1 C . 9.86 10.04 -2.41
C38 QH1 C . 4.58 10.94 -6.97
C40 QH1 C . 3.43 10.91 -7.77
C41 QH1 C . 3.40 10.09 -8.89
F10 QH1 C . 6.68 8.61 -8.68
F39 QH1 C . 4.56 11.76 -5.89
N07 QH1 C . 4.46 8.43 -10.39
N12 QH1 C . 6.92 10.24 -6.35
N20 QH1 C . 10.46 10.80 -5.49
N21 QH1 C . 12.55 11.47 -6.65
N34 QH1 C . 7.97 9.25 -0.61
N36 QH1 C . 10.24 9.85 -1.12
O05 QH1 C . 3.59 6.92 -12.46
O06 QH1 C . 1.77 8.14 -11.17
S04 QH1 C . 3.22 7.40 -10.95
C11 QH1 D . -8.53 -9.83 5.90
C13 QH1 D . -6.06 -10.32 6.36
C14 QH1 D . -5.21 -10.83 7.35
C15 QH1 D . -6.10 -11.18 8.49
C01 QH1 D . -8.80 -4.62 3.42
C02 QH1 D . -10.28 -4.25 3.57
C03 QH1 D . -10.91 -4.52 4.94
C08 QH1 D . -10.54 -8.34 5.44
C09 QH1 D . -9.48 -8.84 6.24
C16 QH1 D . -7.45 -10.85 8.09
C17 QH1 D . -8.47 -11.11 9.05
C18 QH1 D . -8.13 -11.66 10.30
C19 QH1 D . -6.77 -11.97 10.65
C22 QH1 D . -7.23 -13.65 12.52
C23 QH1 D . -5.21 -12.19 12.90
C24 QH1 D . -5.35 -12.53 14.40
C25 QH1 D . -4.35 -12.93 15.24
C27 QH1 D . -2.83 -13.10 13.41
C28 QH1 D . -3.82 -12.72 12.56
C29 QH1 D . -2.04 -13.99 15.69
C30 QH1 D . -2.27 -14.27 17.17
C32 QH1 D . -3.73 -10.97 7.24
C33 QH1 D . -2.94 -11.92 7.94
C35 QH1 D . -0.95 -11.22 7.00
C37 QH1 D . -2.93 -10.16 6.40
C38 QH1 D . -8.71 -10.29 4.58
C40 QH1 D . -9.72 -9.86 3.71
C41 QH1 D . -10.61 -8.90 4.15
F10 QH1 D . -9.39 -8.33 7.49
F39 QH1 D . -7.85 -11.23 4.11
N07 QH1 D . -11.49 -7.35 5.86
N12 QH1 D . -7.43 -10.31 6.75
N20 QH1 D . -5.79 -11.72 9.72
N21 QH1 D . -6.39 -12.55 11.97
N26 QH1 D . -3.04 -13.37 14.81
N34 QH1 D . -1.60 -12.05 7.85
N36 QH1 D . -1.59 -10.25 6.27
O05 QH1 D . -13.38 -5.41 5.86
O06 QH1 D . -12.61 -6.22 3.56
O31 QH1 D . -0.96 -14.32 15.22
S04 QH1 D . -12.05 -5.94 5.08
#